data_5AD1
#
_entry.id   5AD1
#
_cell.length_a   42.980
_cell.length_b   55.980
_cell.length_c   140.080
_cell.angle_alpha   90.00
_cell.angle_beta   90.00
_cell.angle_gamma   90.00
#
_symmetry.space_group_name_H-M   'P 21 21 21'
#
loop_
_entity.id
_entity.type
_entity.pdbx_description
1 polymer 'ENTEROCHELIN UPTAKE PERIPLASMIC BINDING PROTEIN'
2 non-polymer 'FE (III) ION'
3 non-polymer "N,N'-OCTANE-1,8-DIYLBIS(2,3-DIHYDROXYBENZAMIDE)"
4 water water
#
_entity_poly.entity_id   1
_entity_poly.type   'polypeptide(L)'
_entity_poly.pdbx_seq_one_letter_code
;PAMLPISMSDEGDSFLVKDSLGENKIPKNPSKVVILDLGILDTFDALKLNDKVVGVPAKNLPKYLQQFKNKPSVGGVQQV
DFEAINALKPDLIIISGRQSKFYDKLKEIAPTLFVGLDNANFLSSFENNVLSVAKLYGLEKEALEKISDIKNEIEKAKSI
VDEDKKALIILTNSNKISAFGPQSRFGIIHDVLGINAVDENIKVGTHGKSINSEFILEKNPDYIFVVDRNVILGNKERAQ
GILDNALVAKTKAAQNKKIIYLDPEYWYLASGNGLESLKTMILEIKNAVK
;
_entity_poly.pdbx_strand_id   A
#
loop_
_chem_comp.id
_chem_comp.type
_chem_comp.name
_chem_comp.formula
8LC non-polymer N,N'-OCTANE-1,8-DIYLBIS(2,3-DIHYDROXYBENZAMIDE) 'C22 H28 N2 O6'
FE non-polymer 'FE (III) ION' 'Fe 3'
#
# COMPACT_ATOMS: atom_id res chain seq x y z
N PRO A 1 -10.84 -7.31 15.84
CA PRO A 1 -10.07 -8.57 15.73
C PRO A 1 -9.08 -8.61 14.49
N ALA A 2 -8.03 -9.41 14.57
CA ALA A 2 -7.11 -9.54 13.42
C ALA A 2 -7.89 -10.13 12.20
N MET A 3 -7.53 -9.66 11.02
CA MET A 3 -8.04 -10.21 9.77
C MET A 3 -7.56 -11.65 9.69
N LEU A 4 -8.37 -12.59 9.21
CA LEU A 4 -7.87 -13.93 8.88
C LEU A 4 -6.83 -13.85 7.80
N PRO A 5 -5.76 -14.62 7.94
CA PRO A 5 -4.66 -14.63 6.98
C PRO A 5 -4.92 -15.57 5.80
N ILE A 6 -4.00 -15.60 4.87
CA ILE A 6 -3.92 -16.67 3.89
C ILE A 6 -3.29 -17.89 4.55
N SER A 7 -3.97 -19.04 4.44
CA SER A 7 -3.42 -20.31 4.86
C SER A 7 -3.48 -21.29 3.69
N MET A 8 -2.51 -22.17 3.61
CA MET A 8 -2.41 -23.07 2.49
C MET A 8 -1.83 -24.42 2.89
N SER A 9 -2.31 -25.49 2.21
CA SER A 9 -1.70 -26.82 2.32
C SER A 9 -1.23 -27.29 0.95
N ASP A 10 -0.10 -28.01 0.95
CA ASP A 10 0.49 -28.51 -0.27
C ASP A 10 -0.29 -29.76 -0.74
N GLU A 11 -0.78 -29.70 -1.98
CA GLU A 11 -1.60 -30.72 -2.56
C GLU A 11 -0.90 -31.42 -3.77
N GLY A 12 0.42 -31.30 -3.84
CA GLY A 12 1.19 -32.01 -4.81
C GLY A 12 1.58 -31.13 -5.97
N ASP A 13 0.65 -30.91 -6.89
CA ASP A 13 0.82 -30.01 -8.03
C ASP A 13 0.06 -28.70 -7.86
N SER A 14 -0.53 -28.51 -6.66
CA SER A 14 -1.33 -27.37 -6.36
C SER A 14 -1.29 -27.12 -4.86
N PHE A 15 -1.87 -25.99 -4.45
CA PHE A 15 -2.13 -25.70 -3.05
C PHE A 15 -3.65 -25.55 -2.87
N LEU A 16 -4.13 -25.95 -1.68
CA LEU A 16 -5.46 -25.65 -1.19
C LEU A 16 -5.27 -24.37 -0.33
N VAL A 17 -6.05 -23.36 -0.61
CA VAL A 17 -5.78 -22.04 -0.04
C VAL A 17 -7.08 -21.44 0.53
N LYS A 18 -6.98 -20.81 1.69
CA LYS A 18 -8.12 -20.08 2.30
C LYS A 18 -7.63 -18.74 2.69
N ASP A 19 -8.44 -17.73 2.45
CA ASP A 19 -8.18 -16.38 2.95
C ASP A 19 -9.51 -15.81 3.42
N SER A 20 -9.49 -14.53 3.82
CA SER A 20 -10.70 -13.93 4.39
C SER A 20 -11.88 -13.80 3.42
N LEU A 21 -11.66 -13.97 2.12
CA LEU A 21 -12.75 -13.99 1.15
C LEU A 21 -13.24 -15.34 0.74
N GLY A 22 -12.41 -16.38 0.83
CA GLY A 22 -12.84 -17.68 0.37
C GLY A 22 -11.70 -18.64 0.17
N GLU A 23 -12.07 -19.76 -0.43
CA GLU A 23 -11.16 -20.89 -0.69
C GLU A 23 -10.89 -21.10 -2.18
N ASN A 24 -9.68 -21.54 -2.49
CA ASN A 24 -9.26 -21.78 -3.86
C ASN A 24 -8.30 -22.94 -3.96
N LYS A 25 -8.27 -23.56 -5.11
CA LYS A 25 -7.18 -24.42 -5.55
CA LYS A 25 -7.14 -24.41 -5.52
C LYS A 25 -6.30 -23.60 -6.47
N ILE A 26 -5.05 -23.45 -6.12
CA ILE A 26 -4.10 -22.63 -6.90
C ILE A 26 -3.00 -23.59 -7.41
N PRO A 27 -2.75 -23.61 -8.71
CA PRO A 27 -1.64 -24.44 -9.20
C PRO A 27 -0.31 -23.98 -8.61
N LYS A 28 0.61 -24.93 -8.40
CA LYS A 28 1.96 -24.55 -8.08
C LYS A 28 2.59 -23.84 -9.28
N ASN A 29 3.45 -22.85 -9.00
CA ASN A 29 4.09 -22.09 -10.04
C ASN A 29 3.12 -21.58 -11.09
N PRO A 30 2.13 -20.78 -10.65
CA PRO A 30 1.15 -20.32 -11.64
C PRO A 30 1.81 -19.48 -12.76
N SER A 31 1.47 -19.76 -14.01
CA SER A 31 2.15 -19.20 -15.19
C SER A 31 1.53 -17.90 -15.70
N LYS A 32 0.27 -17.68 -15.39
CA LYS A 32 -0.48 -16.57 -15.96
C LYS A 32 -1.32 -15.86 -14.88
N VAL A 33 -0.70 -14.93 -14.21
CA VAL A 33 -1.25 -14.28 -13.04
C VAL A 33 -1.66 -12.85 -13.36
N VAL A 34 -2.92 -12.50 -13.15
CA VAL A 34 -3.39 -11.13 -13.25
C VAL A 34 -3.25 -10.55 -11.84
N ILE A 35 -2.52 -9.42 -11.78
CA ILE A 35 -2.23 -8.78 -10.47
C ILE A 35 -2.87 -7.41 -10.41
N LEU A 36 -3.76 -7.24 -9.43
CA LEU A 36 -4.48 -5.97 -9.27
C LEU A 36 -4.05 -5.21 -8.03
N ASP A 37 -3.13 -5.78 -7.23
CA ASP A 37 -2.47 -5.12 -6.08
C ASP A 37 -1.06 -4.71 -6.52
N LEU A 38 -0.79 -3.40 -6.52
CA LEU A 38 0.49 -2.91 -7.02
CA LEU A 38 0.51 -2.92 -7.02
C LEU A 38 1.69 -3.29 -6.13
N GLY A 39 1.42 -3.46 -4.82
CA GLY A 39 2.47 -3.94 -3.94
C GLY A 39 2.89 -5.40 -4.26
N ILE A 40 1.89 -6.26 -4.50
CA ILE A 40 2.20 -7.62 -4.82
C ILE A 40 2.94 -7.68 -6.19
N LEU A 41 2.59 -6.77 -7.10
CA LEU A 41 3.30 -6.68 -8.36
C LEU A 41 4.81 -6.46 -8.15
N ASP A 42 5.14 -5.54 -7.22
CA ASP A 42 6.51 -5.31 -6.87
C ASP A 42 7.20 -6.48 -6.19
N THR A 43 6.46 -7.27 -5.43
CA THR A 43 6.99 -8.55 -4.88
C THR A 43 7.30 -9.54 -5.98
N PHE A 44 6.43 -9.63 -6.99
CA PHE A 44 6.74 -10.51 -8.14
C PHE A 44 8.06 -10.03 -8.80
N ASP A 45 8.23 -8.74 -8.98
CA ASP A 45 9.49 -8.28 -9.53
C ASP A 45 10.70 -8.63 -8.61
N ALA A 46 10.55 -8.44 -7.29
CA ALA A 46 11.65 -8.67 -6.37
C ALA A 46 12.02 -10.16 -6.42
N LEU A 47 11.02 -11.05 -6.55
CA LEU A 47 11.24 -12.47 -6.66
C LEU A 47 11.57 -13.00 -8.06
N LYS A 48 11.70 -12.07 -9.01
CA LYS A 48 12.10 -12.45 -10.41
C LYS A 48 11.03 -13.29 -11.13
N LEU A 49 9.79 -12.94 -10.81
CA LEU A 49 8.62 -13.61 -11.34
C LEU A 49 7.89 -12.82 -12.43
N ASN A 50 8.59 -11.87 -13.05
CA ASN A 50 7.98 -10.97 -14.05
C ASN A 50 7.28 -11.76 -15.15
N ASP A 51 7.87 -12.88 -15.59
CA ASP A 51 7.27 -13.60 -16.72
C ASP A 51 5.95 -14.30 -16.37
N LYS A 52 5.67 -14.45 -15.07
CA LYS A 52 4.40 -15.06 -14.64
C LYS A 52 3.27 -14.09 -14.70
N VAL A 53 3.57 -12.79 -14.79
CA VAL A 53 2.55 -11.75 -14.76
C VAL A 53 1.95 -11.60 -16.16
N VAL A 54 0.65 -11.86 -16.28
CA VAL A 54 0.00 -11.82 -17.60
C VAL A 54 -0.71 -10.52 -17.87
N GLY A 55 -1.11 -9.79 -16.81
CA GLY A 55 -1.82 -8.54 -16.97
C GLY A 55 -1.71 -7.73 -15.68
N VAL A 56 -1.78 -6.39 -15.84
CA VAL A 56 -1.63 -5.44 -14.75
C VAL A 56 -2.58 -4.25 -15.01
N PRO A 57 -2.88 -3.48 -13.97
CA PRO A 57 -3.78 -2.34 -14.14
C PRO A 57 -2.99 -1.17 -14.68
N ALA A 58 -2.83 -1.13 -16.01
CA ALA A 58 -1.93 -0.13 -16.57
C ALA A 58 -2.37 1.33 -16.32
N LYS A 59 -3.65 1.57 -16.10
CA LYS A 59 -4.15 2.90 -15.80
C LYS A 59 -3.51 3.47 -14.53
N ASN A 60 -3.11 2.59 -13.63
CA ASN A 60 -2.53 2.99 -12.38
C ASN A 60 -1.14 2.38 -12.19
N LEU A 61 -0.36 2.15 -13.23
CA LEU A 61 0.94 1.56 -13.09
C LEU A 61 1.96 2.61 -12.61
N PRO A 62 2.53 2.39 -11.39
CA PRO A 62 3.46 3.40 -10.85
C PRO A 62 4.73 3.58 -11.66
N LYS A 63 5.33 4.76 -11.47
CA LYS A 63 6.61 5.07 -12.08
C LYS A 63 7.68 4.01 -11.71
N TYR A 64 7.64 3.51 -10.48
CA TYR A 64 8.62 2.53 -10.02
CA TYR A 64 8.67 2.54 -10.07
C TYR A 64 8.39 1.11 -10.53
N LEU A 65 7.31 0.91 -11.27
CA LEU A 65 6.96 -0.36 -11.90
C LEU A 65 6.85 -0.31 -13.41
N GLN A 66 7.56 0.63 -14.01
CA GLN A 66 7.44 0.76 -15.48
CA GLN A 66 7.69 0.86 -15.46
C GLN A 66 8.03 -0.40 -16.24
N GLN A 67 8.79 -1.29 -15.61
CA GLN A 67 9.19 -2.51 -16.31
C GLN A 67 8.00 -3.42 -16.66
N PHE A 68 6.82 -3.13 -16.13
CA PHE A 68 5.60 -3.83 -16.52
C PHE A 68 4.77 -3.12 -17.59
N LYS A 69 5.30 -2.07 -18.21
CA LYS A 69 4.52 -1.25 -19.10
C LYS A 69 4.14 -1.92 -20.42
N ASN A 70 4.81 -3.04 -20.74
CA ASN A 70 4.52 -3.79 -21.95
C ASN A 70 3.42 -4.85 -21.76
N LYS A 71 3.12 -5.16 -20.50
CA LYS A 71 2.10 -6.15 -20.22
C LYS A 71 0.73 -5.69 -20.71
N PRO A 72 -0.15 -6.65 -21.12
CA PRO A 72 -1.55 -6.34 -21.34
C PRO A 72 -2.17 -5.68 -20.10
N SER A 73 -3.02 -4.72 -20.37
CA SER A 73 -3.73 -4.05 -19.32
C SER A 73 -5.04 -4.72 -18.96
N VAL A 74 -5.32 -4.74 -17.67
CA VAL A 74 -6.65 -5.14 -17.12
C VAL A 74 -7.36 -3.94 -16.48
N GLY A 75 -6.99 -2.71 -16.93
CA GLY A 75 -7.70 -1.49 -16.58
C GLY A 75 -6.98 -0.70 -15.49
N GLY A 76 -7.76 -0.25 -14.54
CA GLY A 76 -7.28 0.42 -13.36
C GLY A 76 -7.73 -0.28 -12.10
N VAL A 77 -7.12 0.08 -10.97
CA VAL A 77 -7.48 -0.53 -9.69
C VAL A 77 -8.95 -0.34 -9.28
N GLN A 78 -9.49 0.79 -9.76
CA GLN A 78 -10.94 1.11 -9.59
C GLN A 78 -11.78 0.99 -10.86
N GLN A 79 -11.18 0.53 -11.92
CA GLN A 79 -11.83 0.40 -13.21
C GLN A 79 -11.38 -0.90 -13.82
N VAL A 80 -11.77 -1.98 -13.18
CA VAL A 80 -11.29 -3.33 -13.56
C VAL A 80 -11.99 -3.74 -14.86
N ASP A 81 -11.19 -4.16 -15.82
CA ASP A 81 -11.69 -4.59 -17.13
C ASP A 81 -11.81 -6.14 -17.11
N PHE A 82 -13.02 -6.59 -16.74
CA PHE A 82 -13.28 -8.01 -16.54
C PHE A 82 -13.14 -8.78 -17.85
N GLU A 83 -13.53 -8.13 -18.99
CA GLU A 83 -13.37 -8.79 -20.27
C GLU A 83 -11.90 -9.06 -20.61
N ALA A 84 -11.07 -8.08 -20.30
CA ALA A 84 -9.64 -8.24 -20.55
C ALA A 84 -9.08 -9.34 -19.69
N ILE A 85 -9.50 -9.38 -18.42
CA ILE A 85 -9.05 -10.45 -17.55
C ILE A 85 -9.41 -11.83 -18.12
N ASN A 86 -10.67 -11.98 -18.52
CA ASN A 86 -11.09 -13.22 -19.08
C ASN A 86 -10.26 -13.61 -20.34
N ALA A 87 -9.99 -12.64 -21.20
CA ALA A 87 -9.27 -12.87 -22.45
C ALA A 87 -7.83 -13.34 -22.22
N LEU A 88 -7.25 -13.01 -21.05
CA LEU A 88 -5.90 -13.45 -20.73
C LEU A 88 -5.84 -14.89 -20.20
N LYS A 89 -6.99 -15.48 -19.85
CA LYS A 89 -7.02 -16.87 -19.44
C LYS A 89 -6.08 -17.16 -18.27
N PRO A 90 -6.21 -16.33 -17.19
CA PRO A 90 -5.31 -16.52 -16.09
C PRO A 90 -5.49 -17.78 -15.33
N ASP A 91 -4.42 -18.24 -14.71
CA ASP A 91 -4.50 -19.29 -13.71
C ASP A 91 -4.73 -18.82 -12.28
N LEU A 92 -4.55 -17.50 -12.09
CA LEU A 92 -4.66 -16.91 -10.77
C LEU A 92 -4.86 -15.40 -10.98
N ILE A 93 -5.74 -14.86 -10.13
CA ILE A 93 -5.98 -13.43 -10.02
C ILE A 93 -5.69 -13.02 -8.58
N ILE A 94 -4.87 -11.98 -8.40
CA ILE A 94 -4.50 -11.49 -7.06
C ILE A 94 -5.09 -10.08 -6.85
N ILE A 95 -5.86 -9.93 -5.78
CA ILE A 95 -6.58 -8.69 -5.48
C ILE A 95 -6.32 -8.20 -4.09
N SER A 96 -6.63 -6.93 -3.90
CA SER A 96 -6.69 -6.42 -2.54
C SER A 96 -7.97 -5.75 -2.28
N GLY A 97 -7.96 -4.89 -1.26
CA GLY A 97 -9.21 -4.38 -0.79
C GLY A 97 -10.08 -3.65 -1.80
N ARG A 98 -9.46 -2.99 -2.77
CA ARG A 98 -10.28 -2.29 -3.76
C ARG A 98 -11.16 -3.19 -4.61
N GLN A 99 -10.75 -4.47 -4.77
CA GLN A 99 -11.49 -5.36 -5.62
C GLN A 99 -12.29 -6.43 -4.85
N SER A 100 -12.24 -6.44 -3.51
CA SER A 100 -13.11 -7.38 -2.76
C SER A 100 -14.56 -7.40 -3.17
N LYS A 101 -15.05 -6.22 -3.55
CA LYS A 101 -16.45 -6.08 -3.91
C LYS A 101 -16.79 -6.83 -5.22
N PHE A 102 -15.79 -7.20 -6.01
CA PHE A 102 -15.96 -7.94 -7.22
C PHE A 102 -15.50 -9.39 -7.13
N TYR A 103 -15.36 -9.88 -5.87
CA TYR A 103 -14.85 -11.20 -5.71
C TYR A 103 -15.58 -12.31 -6.49
N ASP A 104 -16.91 -12.34 -6.42
CA ASP A 104 -17.63 -13.44 -7.06
C ASP A 104 -17.43 -13.41 -8.58
N LYS A 105 -17.40 -12.23 -9.14
CA LYS A 105 -17.22 -12.04 -10.58
C LYS A 105 -15.82 -12.47 -11.03
N LEU A 106 -14.81 -12.14 -10.23
CA LEU A 106 -13.47 -12.54 -10.54
C LEU A 106 -13.29 -14.06 -10.38
N LYS A 107 -13.88 -14.66 -9.33
CA LYS A 107 -13.66 -16.03 -9.07
C LYS A 107 -14.34 -16.89 -10.14
N GLU A 108 -15.38 -16.40 -10.81
CA GLU A 108 -15.94 -17.07 -11.99
C GLU A 108 -14.88 -17.28 -13.11
N ILE A 109 -13.93 -16.35 -13.20
CA ILE A 109 -12.90 -16.40 -14.22
C ILE A 109 -11.74 -17.30 -13.85
N ALA A 110 -11.26 -17.15 -12.62
CA ALA A 110 -10.07 -17.88 -12.19
C ALA A 110 -9.94 -17.81 -10.69
N PRO A 111 -9.14 -18.73 -10.10
CA PRO A 111 -8.90 -18.63 -8.66
C PRO A 111 -8.47 -17.20 -8.25
N THR A 112 -9.00 -16.72 -7.14
CA THR A 112 -8.86 -15.31 -6.77
C THR A 112 -8.37 -15.23 -5.34
N LEU A 113 -7.12 -14.76 -5.17
CA LEU A 113 -6.39 -14.74 -3.88
C LEU A 113 -6.42 -13.28 -3.38
N PHE A 114 -6.86 -13.15 -2.14
CA PHE A 114 -6.92 -11.83 -1.49
C PHE A 114 -5.66 -11.61 -0.67
N VAL A 115 -5.00 -10.48 -0.96
CA VAL A 115 -3.77 -10.06 -0.25
C VAL A 115 -3.91 -8.68 0.43
N GLY A 116 -5.07 -8.30 0.89
CA GLY A 116 -5.10 -7.01 1.53
C GLY A 116 -4.27 -7.01 2.84
N LEU A 117 -3.87 -5.82 3.23
CA LEU A 117 -3.15 -5.63 4.47
C LEU A 117 -4.22 -5.41 5.58
N ASP A 118 -3.86 -5.88 6.77
CA ASP A 118 -4.60 -5.62 8.03
C ASP A 118 -4.00 -4.37 8.66
N ASN A 119 -4.72 -3.26 8.56
CA ASN A 119 -4.23 -2.00 9.15
C ASN A 119 -3.91 -2.08 10.61
N ALA A 120 -4.51 -3.04 11.32
CA ALA A 120 -4.25 -3.19 12.75
C ALA A 120 -3.04 -4.08 13.03
N ASN A 121 -2.58 -4.80 11.99
CA ASN A 121 -1.46 -5.78 12.14
C ASN A 121 -0.68 -5.78 10.83
N PHE A 122 -0.09 -4.63 10.54
CA PHE A 122 0.56 -4.44 9.24
C PHE A 122 1.65 -5.49 9.00
N LEU A 123 2.64 -5.59 9.90
CA LEU A 123 3.79 -6.46 9.61
C LEU A 123 3.39 -7.93 9.45
N SER A 124 2.48 -8.37 10.31
CA SER A 124 2.02 -9.77 10.24
C SER A 124 1.36 -10.05 8.89
N SER A 125 0.47 -9.15 8.46
CA SER A 125 -0.22 -9.33 7.19
C SER A 125 0.76 -9.19 6.02
N PHE A 126 1.68 -8.22 6.12
CA PHE A 126 2.68 -8.02 5.08
C PHE A 126 3.46 -9.30 4.86
N GLU A 127 3.94 -9.85 5.98
CA GLU A 127 4.75 -11.11 5.85
C GLU A 127 3.93 -12.26 5.28
N ASN A 128 2.68 -12.36 5.77
CA ASN A 128 1.79 -13.40 5.24
C ASN A 128 1.59 -13.27 3.72
N ASN A 129 1.39 -12.06 3.24
CA ASN A 129 1.20 -11.90 1.80
C ASN A 129 2.42 -12.29 1.02
N VAL A 130 3.59 -11.77 1.45
CA VAL A 130 4.84 -12.10 0.74
C VAL A 130 5.12 -13.61 0.76
N LEU A 131 5.06 -14.19 1.97
CA LEU A 131 5.41 -15.60 2.10
C LEU A 131 4.39 -16.53 1.40
N SER A 132 3.14 -16.14 1.31
CA SER A 132 2.16 -16.94 0.60
C SER A 132 2.48 -16.95 -0.87
N VAL A 133 2.75 -15.79 -1.45
CA VAL A 133 3.17 -15.75 -2.86
C VAL A 133 4.45 -16.53 -3.08
N ALA A 134 5.40 -16.40 -2.16
CA ALA A 134 6.66 -17.12 -2.27
C ALA A 134 6.43 -18.61 -2.23
N LYS A 135 5.51 -19.06 -1.35
CA LYS A 135 5.21 -20.51 -1.25
CA LYS A 135 5.21 -20.50 -1.24
C LYS A 135 4.71 -21.06 -2.58
N LEU A 136 3.89 -20.32 -3.32
CA LEU A 136 3.41 -20.78 -4.58
C LEU A 136 4.52 -21.16 -5.56
N TYR A 137 5.66 -20.46 -5.42
CA TYR A 137 6.76 -20.62 -6.36
C TYR A 137 7.97 -21.31 -5.76
N GLY A 138 7.87 -21.73 -4.50
CA GLY A 138 9.02 -22.33 -3.81
C GLY A 138 10.18 -21.37 -3.52
N LEU A 139 9.81 -20.10 -3.30
CA LEU A 139 10.80 -19.00 -3.10
C LEU A 139 10.84 -18.47 -1.67
N GLU A 140 10.49 -19.32 -0.69
CA GLU A 140 10.53 -18.93 0.67
C GLU A 140 11.87 -18.42 1.13
N LYS A 141 12.93 -19.06 0.70
CA LYS A 141 14.30 -18.64 1.17
C LYS A 141 14.57 -17.18 0.77
N GLU A 142 14.32 -16.90 -0.52
CA GLU A 142 14.58 -15.58 -1.05
C GLU A 142 13.66 -14.57 -0.34
N ALA A 143 12.40 -14.89 -0.19
CA ALA A 143 11.48 -13.95 0.43
C ALA A 143 11.86 -13.65 1.89
N LEU A 144 12.22 -14.70 2.63
CA LEU A 144 12.59 -14.53 4.01
C LEU A 144 13.82 -13.63 4.17
N GLU A 145 14.78 -13.77 3.25
CA GLU A 145 15.98 -12.87 3.30
C GLU A 145 15.56 -11.42 3.09
N LYS A 146 14.66 -11.18 2.13
CA LYS A 146 14.22 -9.84 1.85
C LYS A 146 13.41 -9.24 3.01
N ILE A 147 12.60 -10.07 3.66
CA ILE A 147 11.89 -9.62 4.87
C ILE A 147 12.87 -9.28 6.00
N SER A 148 13.90 -10.13 6.17
CA SER A 148 14.91 -9.86 7.24
C SER A 148 15.60 -8.51 6.98
N ASP A 149 15.91 -8.23 5.71
CA ASP A 149 16.56 -6.94 5.34
C ASP A 149 15.61 -5.77 5.69
N ILE A 150 14.31 -5.91 5.38
CA ILE A 150 13.32 -4.87 5.74
C ILE A 150 13.30 -4.69 7.23
N LYS A 151 13.27 -5.75 8.01
CA LYS A 151 13.26 -5.62 9.47
C LYS A 151 14.50 -4.86 9.99
N ASN A 152 15.64 -5.08 9.34
CA ASN A 152 16.86 -4.34 9.71
C ASN A 152 16.71 -2.86 9.38
N GLU A 153 16.13 -2.56 8.21
CA GLU A 153 15.85 -1.19 7.87
C GLU A 153 14.91 -0.52 8.82
N ILE A 154 13.89 -1.22 9.27
CA ILE A 154 12.95 -0.70 10.26
C ILE A 154 13.71 -0.30 11.55
N GLU A 155 14.62 -1.17 12.00
CA GLU A 155 15.38 -0.87 13.20
C GLU A 155 16.25 0.34 13.06
N LYS A 156 16.88 0.48 11.88
CA LYS A 156 17.73 1.65 11.62
C LYS A 156 16.93 2.94 11.53
N ALA A 157 15.71 2.89 10.98
CA ALA A 157 14.93 4.03 10.86
C ALA A 157 14.45 4.45 12.27
N LYS A 158 13.97 3.49 13.04
CA LYS A 158 13.48 3.76 14.40
C LYS A 158 14.53 4.45 15.29
N SER A 159 15.80 4.10 15.06
CA SER A 159 16.87 4.57 15.84
C SER A 159 17.11 6.07 15.68
N ILE A 160 16.65 6.67 14.57
CA ILE A 160 16.86 8.09 14.36
C ILE A 160 15.65 8.98 14.70
N VAL A 161 14.54 8.35 15.09
CA VAL A 161 13.31 9.06 15.39
C VAL A 161 13.43 9.81 16.71
N ASP A 162 12.93 11.06 16.70
CA ASP A 162 12.93 11.97 17.87
C ASP A 162 11.69 11.78 18.65
N GLU A 163 11.83 11.19 19.85
CA GLU A 163 10.76 10.81 20.78
C GLU A 163 9.82 11.94 21.14
N ASP A 164 10.32 13.15 21.06
CA ASP A 164 9.58 14.32 21.55
C ASP A 164 8.79 15.02 20.40
N LYS A 165 8.88 14.53 19.19
CA LYS A 165 8.12 15.19 18.10
C LYS A 165 6.92 14.34 17.76
N LYS A 166 5.88 15.00 17.26
CA LYS A 166 4.60 14.37 16.88
CA LYS A 166 4.62 14.37 16.88
C LYS A 166 4.21 14.74 15.46
N ALA A 167 3.55 13.79 14.79
CA ALA A 167 3.18 13.94 13.41
C ALA A 167 1.66 13.81 13.19
N LEU A 168 1.20 14.40 12.10
CA LEU A 168 -0.13 14.23 11.56
C LEU A 168 -0.01 13.78 10.11
N ILE A 169 -0.80 12.75 9.77
CA ILE A 169 -0.91 12.27 8.37
C ILE A 169 -2.19 12.78 7.74
N ILE A 170 -2.04 13.48 6.59
CA ILE A 170 -3.16 13.98 5.86
C ILE A 170 -3.13 13.55 4.40
N LEU A 171 -4.31 13.62 3.81
CA LEU A 171 -4.59 13.31 2.43
CA LEU A 171 -4.61 13.28 2.41
C LEU A 171 -5.35 14.46 1.81
N THR A 172 -4.95 14.87 0.63
CA THR A 172 -5.67 15.88 -0.08
C THR A 172 -6.34 15.37 -1.32
N ASN A 173 -7.58 15.83 -1.54
CA ASN A 173 -8.36 15.50 -2.69
C ASN A 173 -9.25 16.66 -3.03
N SER A 174 -9.30 17.03 -4.32
CA SER A 174 -9.88 18.30 -4.62
CA SER A 174 -9.84 18.31 -4.67
C SER A 174 -9.16 19.36 -3.76
N ASN A 175 -9.90 20.34 -3.22
CA ASN A 175 -9.29 21.30 -2.29
CA ASN A 175 -9.29 21.27 -2.28
C ASN A 175 -9.55 20.93 -0.85
N LYS A 176 -9.88 19.66 -0.63
CA LYS A 176 -10.20 19.12 0.68
C LYS A 176 -9.08 18.31 1.34
N ILE A 177 -9.12 18.32 2.67
CA ILE A 177 -8.14 17.64 3.49
C ILE A 177 -8.83 16.60 4.35
N SER A 178 -8.19 15.45 4.51
CA SER A 178 -8.66 14.45 5.47
C SER A 178 -7.46 13.91 6.23
N ALA A 179 -7.73 13.37 7.42
CA ALA A 179 -6.66 12.93 8.32
C ALA A 179 -6.76 11.43 8.63
N PHE A 180 -5.63 10.87 9.00
CA PHE A 180 -5.41 9.45 9.26
C PHE A 180 -4.56 9.32 10.48
N GLY A 181 -4.85 8.36 11.37
CA GLY A 181 -4.05 8.08 12.56
C GLY A 181 -3.31 6.77 12.57
N PRO A 182 -2.78 6.43 13.74
CA PRO A 182 -2.24 5.07 13.97
C PRO A 182 -3.28 4.00 13.54
N GLN A 183 -2.78 2.92 12.99
CA GLN A 183 -3.60 1.78 12.56
C GLN A 183 -4.55 2.09 11.43
N SER A 184 -4.24 3.13 10.65
CA SER A 184 -4.90 3.47 9.42
C SER A 184 -4.14 2.86 8.23
N ARG A 185 -4.61 3.18 7.01
CA ARG A 185 -3.94 2.73 5.79
C ARG A 185 -2.53 3.29 5.62
N PHE A 186 -2.20 4.36 6.38
CA PHE A 186 -0.85 4.96 6.34
C PHE A 186 -0.13 4.82 7.66
N GLY A 187 -0.67 3.94 8.54
CA GLY A 187 -0.26 3.86 9.92
C GLY A 187 1.16 3.43 10.18
N ILE A 188 1.85 2.84 9.23
CA ILE A 188 3.22 2.38 9.53
C ILE A 188 4.12 3.50 10.05
N ILE A 189 3.84 4.74 9.65
CA ILE A 189 4.60 5.90 10.15
C ILE A 189 4.62 5.90 11.69
N HIS A 190 3.46 5.61 12.29
CA HIS A 190 3.30 5.58 13.71
C HIS A 190 3.53 4.19 14.30
N ASP A 191 3.04 3.16 13.63
CA ASP A 191 2.91 1.84 14.22
C ASP A 191 4.16 0.97 14.10
N VAL A 192 4.94 1.20 13.07
CA VAL A 192 6.13 0.40 12.79
C VAL A 192 7.42 1.26 12.96
N LEU A 193 7.37 2.51 12.51
CA LEU A 193 8.53 3.42 12.58
C LEU A 193 8.52 4.30 13.91
N GLY A 194 7.45 4.24 14.71
CA GLY A 194 7.41 4.78 16.02
C GLY A 194 7.34 6.30 16.12
N ILE A 195 7.06 6.98 15.03
CA ILE A 195 6.81 8.42 15.09
C ILE A 195 5.56 8.66 15.84
N ASN A 196 5.62 9.52 16.83
CA ASN A 196 4.48 9.78 17.69
C ASN A 196 3.36 10.48 16.87
N ALA A 197 2.13 10.23 17.31
CA ALA A 197 0.94 10.83 16.71
C ALA A 197 0.44 12.03 17.49
N VAL A 198 -0.02 13.06 16.76
CA VAL A 198 -0.67 14.19 17.45
C VAL A 198 -2.01 13.79 18.06
N ASP A 199 -2.65 12.76 17.45
CA ASP A 199 -4.00 12.33 17.83
C ASP A 199 -4.05 10.85 17.62
N GLU A 200 -4.15 10.10 18.70
CA GLU A 200 -4.19 8.62 18.60
C GLU A 200 -5.48 8.10 17.99
N ASN A 201 -6.54 8.92 18.04
CA ASN A 201 -7.90 8.46 17.66
C ASN A 201 -8.54 9.37 16.64
N ILE A 202 -8.09 9.19 15.41
CA ILE A 202 -8.67 9.89 14.27
C ILE A 202 -9.70 8.91 13.63
N LYS A 203 -10.92 9.39 13.54
CA LYS A 203 -12.04 8.59 13.01
C LYS A 203 -11.63 7.88 11.75
N VAL A 204 -11.83 6.57 11.72
CA VAL A 204 -11.46 5.73 10.57
C VAL A 204 -12.43 5.96 9.40
N GLY A 205 -11.87 5.98 8.23
CA GLY A 205 -12.60 5.86 6.96
C GLY A 205 -11.62 5.59 5.89
N THR A 206 -12.09 4.95 4.81
CA THR A 206 -11.18 4.56 3.75
C THR A 206 -10.41 5.78 3.22
N HIS A 207 -11.11 6.90 3.05
CA HIS A 207 -10.51 8.12 2.53
C HIS A 207 -10.34 9.21 3.57
N GLY A 208 -10.39 8.79 4.82
CA GLY A 208 -10.00 9.65 5.96
C GLY A 208 -11.09 10.52 6.53
N LYS A 209 -10.73 11.11 7.64
CA LYS A 209 -11.62 11.97 8.40
C LYS A 209 -11.53 13.40 7.85
N SER A 210 -12.61 13.99 7.40
CA SER A 210 -12.59 15.34 6.89
C SER A 210 -12.14 16.27 8.02
N ILE A 211 -11.15 17.11 7.73
CA ILE A 211 -10.65 18.12 8.67
C ILE A 211 -10.40 19.43 7.94
N ASN A 212 -10.28 20.51 8.72
CA ASN A 212 -9.85 21.79 8.15
C ASN A 212 -8.45 22.14 8.67
N SER A 213 -7.94 23.25 8.16
CA SER A 213 -6.63 23.70 8.55
C SER A 213 -6.58 24.18 10.00
N GLU A 214 -7.71 24.66 10.51
CA GLU A 214 -7.83 24.99 11.95
C GLU A 214 -7.49 23.78 12.85
N PHE A 215 -7.94 22.59 12.44
CA PHE A 215 -7.65 21.35 13.16
C PHE A 215 -6.14 21.09 13.14
N ILE A 216 -5.55 21.25 11.95
CA ILE A 216 -4.10 21.03 11.86
C ILE A 216 -3.36 21.91 12.85
N LEU A 217 -3.71 23.21 12.88
CA LEU A 217 -3.04 24.15 13.79
C LEU A 217 -3.31 23.76 15.26
N GLU A 218 -4.56 23.38 15.55
CA GLU A 218 -4.92 23.00 16.94
C GLU A 218 -4.06 21.84 17.47
N LYS A 219 -3.85 20.87 16.59
CA LYS A 219 -3.05 19.71 16.95
C LYS A 219 -1.54 20.00 17.01
N ASN A 220 -1.16 21.06 16.29
N ASN A 220 -1.02 20.98 16.35
CA ASN A 220 0.22 21.67 16.06
CA ASN A 220 0.29 21.37 16.80
C ASN A 220 1.30 20.59 16.01
C ASN A 220 1.41 20.39 16.22
N PRO A 221 1.26 19.81 14.99
CA PRO A 221 2.24 18.82 14.66
C PRO A 221 3.62 19.40 14.35
N ASP A 222 4.63 18.67 14.73
CA ASP A 222 6.04 18.91 14.32
C ASP A 222 6.29 18.51 12.89
N TYR A 223 5.61 17.47 12.43
CA TYR A 223 5.71 16.94 11.04
C TYR A 223 4.28 16.83 10.52
N ILE A 224 4.13 17.14 9.24
CA ILE A 224 2.89 16.79 8.52
C ILE A 224 3.27 15.94 7.33
N PHE A 225 2.79 14.71 7.32
CA PHE A 225 2.96 13.82 6.19
C PHE A 225 1.78 13.90 5.27
N VAL A 226 2.00 14.28 4.01
CA VAL A 226 0.91 14.56 3.08
C VAL A 226 0.91 13.54 1.93
N VAL A 227 -0.27 13.00 1.68
CA VAL A 227 -0.50 12.11 0.54
C VAL A 227 -1.48 12.79 -0.42
N ASP A 228 -0.98 13.19 -1.58
CA ASP A 228 -1.85 13.96 -2.52
C ASP A 228 -2.58 13.02 -3.48
N ARG A 229 -3.78 12.67 -3.06
CA ARG A 229 -4.65 11.81 -3.89
C ARG A 229 -5.03 12.44 -5.21
N ASN A 230 -5.00 13.78 -5.31
CA ASN A 230 -5.26 14.42 -6.57
C ASN A 230 -4.41 13.84 -7.71
N VAL A 231 -3.15 13.51 -7.39
CA VAL A 231 -2.22 13.05 -8.42
C VAL A 231 -2.72 11.71 -8.98
N ILE A 232 -3.23 10.84 -8.11
CA ILE A 232 -3.67 9.48 -8.49
C ILE A 232 -4.96 9.60 -9.34
N LEU A 233 -5.87 10.52 -8.97
CA LEU A 233 -7.16 10.65 -9.61
C LEU A 233 -7.12 11.54 -10.83
N GLY A 234 -6.06 12.27 -11.03
CA GLY A 234 -5.97 13.14 -12.19
C GLY A 234 -6.66 14.47 -12.04
N ASN A 235 -6.92 14.86 -10.80
CA ASN A 235 -7.48 16.17 -10.54
C ASN A 235 -6.38 17.23 -10.61
N LYS A 236 -6.75 18.45 -10.88
CA LYS A 236 -5.76 19.53 -11.06
C LYS A 236 -5.25 20.11 -9.75
N GLU A 237 -6.01 19.99 -8.68
CA GLU A 237 -5.59 20.58 -7.42
C GLU A 237 -4.33 19.90 -6.92
N ARG A 238 -3.57 20.66 -6.13
CA ARG A 238 -2.37 20.12 -5.53
C ARG A 238 -2.20 20.55 -4.09
N ALA A 239 -1.68 19.60 -3.29
CA ALA A 239 -1.45 19.79 -1.87
C ALA A 239 -0.61 21.01 -1.52
N GLN A 240 0.41 21.25 -2.33
CA GLN A 240 1.32 22.39 -2.04
CA GLN A 240 1.33 22.35 -2.00
C GLN A 240 0.60 23.71 -2.03
N GLY A 241 -0.45 23.83 -2.86
CA GLY A 241 -1.26 25.02 -2.84
C GLY A 241 -2.28 25.05 -1.71
N ILE A 242 -2.90 23.88 -1.46
CA ILE A 242 -3.91 23.80 -0.40
C ILE A 242 -3.32 24.16 0.95
N LEU A 243 -2.09 23.69 1.19
CA LEU A 243 -1.43 23.82 2.49
C LEU A 243 -0.68 25.13 2.66
N ASP A 244 -0.58 25.91 1.57
CA ASP A 244 0.03 27.27 1.66
C ASP A 244 -1.07 28.24 2.11
N ASN A 245 -1.33 28.24 3.41
CA ASN A 245 -2.38 29.04 4.00
C ASN A 245 -1.91 29.48 5.39
N ALA A 246 -2.57 30.49 5.92
CA ALA A 246 -2.10 31.13 7.12
C ALA A 246 -2.24 30.32 8.38
N LEU A 247 -3.14 29.35 8.39
CA LEU A 247 -3.29 28.48 9.55
C LEU A 247 -2.18 27.44 9.60
N VAL A 248 -2.01 26.71 8.51
CA VAL A 248 -0.90 25.75 8.41
C VAL A 248 0.44 26.44 8.60
N ALA A 249 0.58 27.68 8.10
CA ALA A 249 1.84 28.37 8.24
C ALA A 249 2.25 28.60 9.70
N LYS A 250 1.28 28.58 10.59
CA LYS A 250 1.61 28.77 12.03
C LYS A 250 2.03 27.51 12.75
N THR A 251 2.05 26.38 12.06
CA THR A 251 2.46 25.11 12.70
C THR A 251 3.96 24.97 12.78
N LYS A 252 4.43 24.21 13.74
CA LYS A 252 5.81 23.90 13.84
C LYS A 252 6.26 23.21 12.54
N ALA A 253 5.43 22.32 11.99
CA ALA A 253 5.81 21.66 10.74
C ALA A 253 6.14 22.66 9.64
N ALA A 254 5.27 23.64 9.43
CA ALA A 254 5.55 24.62 8.39
C ALA A 254 6.79 25.45 8.72
N GLN A 255 6.90 25.85 9.98
CA GLN A 255 8.02 26.72 10.40
C GLN A 255 9.36 26.05 10.32
N ASN A 256 9.39 24.73 10.45
CA ASN A 256 10.63 23.96 10.38
C ASN A 256 10.82 23.21 9.06
N LYS A 257 9.95 23.51 8.11
CA LYS A 257 10.04 22.93 6.77
C LYS A 257 9.94 21.36 6.83
N LYS A 258 9.00 20.92 7.64
CA LYS A 258 8.68 19.52 7.82
C LYS A 258 7.22 19.22 7.39
N ILE A 259 6.80 19.89 6.30
CA ILE A 259 5.65 19.42 5.54
C ILE A 259 6.21 18.50 4.46
N ILE A 260 5.99 17.18 4.63
CA ILE A 260 6.59 16.14 3.85
C ILE A 260 5.62 15.58 2.86
N TYR A 261 5.91 15.76 1.56
CA TYR A 261 5.05 15.29 0.51
C TYR A 261 5.47 13.90 0.09
N LEU A 262 4.71 12.94 0.58
CA LEU A 262 4.98 11.52 0.33
C LEU A 262 4.60 11.14 -1.10
N ASP A 263 5.33 10.18 -1.67
CA ASP A 263 5.01 9.76 -3.02
C ASP A 263 3.66 9.04 -3.04
N PRO A 264 2.65 9.58 -3.70
CA PRO A 264 1.33 9.01 -3.55
C PRO A 264 1.23 7.64 -4.21
N GLU A 265 2.05 7.38 -5.24
CA GLU A 265 1.94 6.02 -5.85
C GLU A 265 2.34 4.94 -4.88
N TYR A 266 3.38 5.19 -4.07
CA TYR A 266 3.74 4.23 -3.05
C TYR A 266 2.68 4.14 -1.96
N TRP A 267 2.38 5.30 -1.39
CA TRP A 267 1.54 5.38 -0.17
C TRP A 267 0.07 5.05 -0.37
N TYR A 268 -0.49 5.54 -1.47
CA TYR A 268 -1.90 5.33 -1.71
C TYR A 268 -2.23 4.09 -2.57
N LEU A 269 -1.43 3.86 -3.61
CA LEU A 269 -1.65 2.72 -4.50
C LEU A 269 -1.05 1.38 -4.00
N ALA A 270 0.30 1.36 -3.83
CA ALA A 270 0.96 0.13 -3.30
C ALA A 270 0.62 -0.13 -1.88
N SER A 271 0.46 0.94 -1.11
CA SER A 271 0.10 0.86 0.30
C SER A 271 1.13 0.15 1.18
N GLY A 272 2.39 0.06 0.72
CA GLY A 272 3.42 -0.71 1.40
C GLY A 272 3.29 -2.21 1.30
N ASN A 273 2.52 -2.69 0.36
CA ASN A 273 2.22 -4.16 0.26
C ASN A 273 3.12 -4.91 -0.62
N GLY A 274 4.40 -4.48 -0.74
CA GLY A 274 5.36 -5.15 -1.53
C GLY A 274 6.77 -5.07 -0.94
N LEU A 275 7.62 -6.03 -1.26
CA LEU A 275 9.02 -6.07 -0.78
C LEU A 275 9.76 -4.81 -1.20
N GLU A 276 9.50 -4.30 -2.38
CA GLU A 276 10.19 -3.12 -2.88
C GLU A 276 9.63 -1.88 -2.31
N SER A 277 8.29 -1.75 -2.39
CA SER A 277 7.66 -0.57 -1.88
C SER A 277 7.90 -0.34 -0.42
N LEU A 278 7.76 -1.36 0.40
CA LEU A 278 7.87 -1.16 1.83
C LEU A 278 9.31 -0.70 2.12
N LYS A 279 10.35 -1.33 1.57
CA LYS A 279 11.70 -0.84 1.83
C LYS A 279 11.87 0.63 1.44
N THR A 280 11.42 0.96 0.24
CA THR A 280 11.57 2.32 -0.24
C THR A 280 10.82 3.33 0.62
N MET A 281 9.64 2.95 1.05
CA MET A 281 8.83 3.83 1.90
C MET A 281 9.47 4.03 3.26
N ILE A 282 10.07 2.99 3.88
CA ILE A 282 10.75 3.14 5.15
C ILE A 282 11.90 4.17 4.98
N LEU A 283 12.68 4.03 3.90
CA LEU A 283 13.76 5.00 3.63
C LEU A 283 13.24 6.41 3.44
N GLU A 284 12.08 6.51 2.75
CA GLU A 284 11.49 7.82 2.48
C GLU A 284 11.20 8.55 3.83
N ILE A 285 10.57 7.82 4.75
CA ILE A 285 10.31 8.35 6.07
C ILE A 285 11.60 8.69 6.83
N LYS A 286 12.52 7.77 6.86
CA LYS A 286 13.75 7.97 7.60
C LYS A 286 14.40 9.24 7.12
N ASN A 287 14.55 9.38 5.80
CA ASN A 287 15.29 10.49 5.29
C ASN A 287 14.55 11.83 5.45
N ALA A 288 13.22 11.76 5.51
CA ALA A 288 12.44 12.94 5.80
C ALA A 288 12.56 13.49 7.24
N VAL A 289 12.80 12.62 8.23
CA VAL A 289 12.82 13.03 9.66
C VAL A 289 14.21 12.99 10.33
N LYS A 290 15.23 12.41 9.67
CA LYS A 290 16.57 12.34 10.24
C LYS A 290 17.13 13.78 10.43
FE FE B . -9.42 5.02 -2.97
C2 8LC C . -10.39 2.46 -1.99
C3 8LC C . -11.13 1.29 -1.79
C4 8LC C . -10.58 0.30 -0.94
C5 8LC C . -9.32 0.41 -0.42
C6 8LC C . -8.59 1.58 -0.61
C7 8LC C . -9.10 2.57 -1.39
C8 8LC C . -12.49 1.06 -2.36
O9 8LC C . -13.13 0.01 -2.21
N10 8LC C . -12.99 2.09 -3.05
C11 8LC C . -14.30 2.05 -3.68
C12 8LC C . -14.82 3.46 -3.98
C13 8LC C . -16.03 3.42 -4.82
C14 8LC C . -16.79 4.74 -4.97
C15 8LC C . -15.91 5.95 -5.36
C16 8LC C . -15.15 5.68 -6.63
C17 8LC C . -14.56 6.96 -7.28
C18 8LC C . -13.49 7.60 -6.38
N19 8LC C . -12.28 6.85 -6.34
C20 8LC C . -11.33 6.91 -7.30
C21 8LC C . -10.06 6.16 -7.04
C22 8LC C . -9.69 5.58 -5.80
C23 8LC C . -8.56 4.78 -5.66
C24 8LC C . -7.71 4.61 -6.78
C25 8LC C . -8.04 5.23 -7.99
C26 8LC C . -9.21 5.96 -8.14
O27 8LC C . -11.50 7.53 -8.37
O29 8LC C . -8.46 3.76 -1.60
O30 8LC C . -10.44 5.79 -4.70
O31 8LC C . -8.30 4.17 -4.49
O1 8LC C . -10.80 3.50 -2.75
#